data_5BXO
#
_entry.id   5BXO
#
_cell.length_a   29.823
_cell.length_b   46.014
_cell.length_c   54.472
_cell.angle_alpha   78.45
_cell.angle_beta   88.99
_cell.angle_gamma   72.35
#
_symmetry.space_group_name_H-M   'P 1'
#
loop_
_entity.id
_entity.type
_entity.pdbx_description
1 polymer Tankyrase-2
2 polymer Tankyrase-2
3 non-polymer 'SULFATE ION'
4 non-polymer 'DIMETHYL SULFOXIDE'
5 non-polymer "4,4'-propane-1,3-diylbis(1-methyl-1H-1,2,3-triazole)"
6 water water
#
loop_
_entity_poly.entity_id
_entity_poly.type
_entity_poly.pdbx_seq_one_letter_code
_entity_poly.pdbx_strand_id
1 'polypeptide(L)'
;GSGNSEADRQLLEAAKAGDVETVKKLCTVQSVNCRDIEGRQSTPLHFAAGYNRVSVVEYLLQHGADVHAKDKGGLVPLHN
ACSYGHYEVAELLVKHGAVVNVADLWKFTPLHEAAAKGKYEICKLLLQHGADPTKKNRDGNTPLDLVKDGDTDIQDLLRG
DAAL
;
A,B
2 'polypeptide(L)' (ACE)REAGDGAE(NH2) C,D
#
loop_
_chem_comp.id
_chem_comp.type
_chem_comp.name
_chem_comp.formula
4XP non-polymer 4,4'-propane-1,3-diylbis(1-methyl-1H-1,2,3-triazole) 'C9 H14 N6'
ACE non-polymer 'ACETYL GROUP' 'C2 H4 O'
DMS non-polymer 'DIMETHYL SULFOXIDE' 'C2 H6 O S'
NH2 non-polymer 'AMINO GROUP' 'H2 N'
SO4 non-polymer 'SULFATE ION' 'O4 S -2'
#
# COMPACT_ATOMS: atom_id res chain seq x y z
N SER A 2 -22.92 6.60 -33.55
CA SER A 2 -23.46 5.21 -33.44
C SER A 2 -24.36 5.06 -32.23
N GLY A 3 -25.07 3.94 -32.19
CA GLY A 3 -25.99 3.56 -31.11
C GLY A 3 -25.27 3.57 -29.78
N ASN A 4 -24.17 2.83 -29.77
CA ASN A 4 -23.23 2.78 -28.64
C ASN A 4 -22.66 4.14 -28.22
N SER A 5 -22.28 4.98 -29.18
CA SER A 5 -21.65 6.26 -28.82
C SER A 5 -22.61 7.21 -28.12
N GLU A 6 -23.83 7.36 -28.63
CA GLU A 6 -24.81 8.22 -27.98
C GLU A 6 -25.16 7.66 -26.59
N ALA A 7 -25.30 6.34 -26.50
CA ALA A 7 -25.61 5.68 -25.22
C ALA A 7 -24.46 5.84 -24.21
N ASP A 8 -23.21 5.72 -24.69
CA ASP A 8 -22.05 5.97 -23.84
C ASP A 8 -22.05 7.40 -23.31
N ARG A 9 -22.30 8.34 -24.20
CA ARG A 9 -22.41 9.71 -23.80
C ARG A 9 -23.47 9.96 -22.74
N GLN A 10 -24.66 9.41 -22.93
CA GLN A 10 -25.75 9.56 -21.97
C GLN A 10 -25.46 8.90 -20.63
N LEU A 11 -24.77 7.76 -20.68
CA LEU A 11 -24.31 7.07 -19.47
C LEU A 11 -23.29 7.92 -18.69
N LEU A 12 -22.26 8.43 -19.37
CA LEU A 12 -21.31 9.34 -18.72
C LEU A 12 -22.01 10.56 -18.08
N GLU A 13 -22.96 11.12 -18.83
CA GLU A 13 -23.77 12.24 -18.35
C GLU A 13 -24.62 11.86 -17.12
N ALA A 14 -25.25 10.70 -17.18
CA ALA A 14 -26.07 10.23 -16.05
C ALA A 14 -25.20 9.98 -14.81
N ALA A 15 -24.00 9.42 -15.03
CA ALA A 15 -23.09 9.13 -13.92
C ALA A 15 -22.67 10.46 -13.26
N LYS A 16 -22.30 11.46 -14.07
CA LYS A 16 -21.96 12.79 -13.55
C LYS A 16 -23.14 13.42 -12.78
N ALA A 17 -24.34 13.28 -13.34
CA ALA A 17 -25.56 13.87 -12.77
C ALA A 17 -26.06 13.13 -11.54
N GLY A 18 -25.64 11.87 -11.32
CA GLY A 18 -26.17 11.07 -10.21
C GLY A 18 -27.53 10.44 -10.45
N ASP A 19 -27.83 10.17 -11.71
CA ASP A 19 -29.15 9.66 -12.10
C ASP A 19 -29.05 8.15 -12.20
N VAL A 20 -29.21 7.47 -11.06
CA VAL A 20 -28.96 6.03 -11.01
C VAL A 20 -29.94 5.22 -11.86
N GLU A 21 -31.19 5.68 -11.99
CA GLU A 21 -32.17 4.96 -12.81
C GLU A 21 -31.79 5.00 -14.27
N THR A 22 -31.28 6.12 -14.77
CA THR A 22 -30.78 6.20 -16.13
C THR A 22 -29.48 5.40 -16.31
N VAL A 23 -28.61 5.43 -15.32
CA VAL A 23 -27.39 4.62 -15.36
C VAL A 23 -27.77 3.15 -15.50
N LYS A 24 -28.70 2.66 -14.69
CA LYS A 24 -29.10 1.26 -14.76
C LYS A 24 -29.67 0.91 -16.15
N LYS A 25 -30.47 1.82 -16.69
CA LYS A 25 -31.07 1.66 -18.00
C LYS A 25 -30.04 1.48 -19.10
N LEU A 26 -28.95 2.23 -19.02
CA LEU A 26 -27.93 2.32 -20.08
C LEU A 26 -26.64 1.52 -19.87
N CYS A 27 -26.51 0.90 -18.70
CA CYS A 27 -25.27 0.17 -18.38
C CYS A 27 -25.23 -1.16 -19.12
N THR A 28 -24.22 -1.32 -19.98
CA THR A 28 -23.96 -2.54 -20.73
C THR A 28 -22.48 -2.86 -20.57
N VAL A 29 -22.08 -4.03 -21.03
CA VAL A 29 -20.67 -4.40 -21.00
C VAL A 29 -19.85 -3.39 -21.79
N GLN A 30 -20.42 -2.85 -22.86
CA GLN A 30 -19.72 -1.90 -23.71
C GLN A 30 -19.61 -0.55 -23.03
N SER A 31 -20.63 -0.18 -22.27
CA SER A 31 -20.67 1.18 -21.77
C SER A 31 -20.10 1.34 -20.37
N VAL A 32 -20.12 0.30 -19.56
CA VAL A 32 -19.87 0.46 -18.14
C VAL A 32 -18.50 1.05 -17.83
N ASN A 33 -17.50 0.68 -18.62
CA ASN A 33 -16.14 1.22 -18.48
C ASN A 33 -15.73 2.00 -19.72
N CYS A 34 -16.69 2.61 -20.40
CA CYS A 34 -16.36 3.42 -21.57
C CYS A 34 -15.57 4.64 -21.15
N ARG A 35 -14.83 5.21 -22.09
CA ARG A 35 -14.00 6.37 -21.85
C ARG A 35 -14.57 7.59 -22.50
N ASP A 36 -14.44 8.70 -21.80
CA ASP A 36 -14.87 9.99 -22.29
C ASP A 36 -13.82 10.56 -23.24
N ILE A 37 -13.91 10.14 -24.50
CA ILE A 37 -12.90 10.44 -25.50
C ILE A 37 -12.68 11.93 -25.75
N GLU A 38 -13.73 12.72 -25.58
CA GLU A 38 -13.64 14.15 -25.81
C GLU A 38 -13.23 14.98 -24.63
N GLY A 39 -13.04 14.33 -23.48
CA GLY A 39 -12.59 14.97 -22.28
C GLY A 39 -11.25 14.41 -21.84
N ARG A 40 -11.17 13.88 -20.64
CA ARG A 40 -9.90 13.34 -20.13
C ARG A 40 -9.88 11.82 -20.03
N GLN A 41 -10.75 11.17 -20.81
N GLN A 41 -10.73 11.16 -20.81
CA GLN A 41 -10.80 9.71 -20.90
CA GLN A 41 -10.82 9.68 -20.88
C GLN A 41 -11.33 9.09 -19.60
C GLN A 41 -11.35 9.08 -19.59
N SER A 42 -12.09 9.86 -18.83
CA SER A 42 -12.75 9.33 -17.65
C SER A 42 -13.77 8.25 -17.98
N THR A 43 -13.90 7.30 -17.06
CA THR A 43 -14.98 6.29 -17.10
C THR A 43 -16.18 6.78 -16.29
N PRO A 44 -17.31 6.13 -16.45
CA PRO A 44 -18.46 6.44 -15.59
C PRO A 44 -18.13 6.45 -14.11
N LEU A 45 -17.36 5.48 -13.68
CA LEU A 45 -16.95 5.46 -12.27
C LEU A 45 -16.13 6.70 -11.86
N HIS A 46 -15.23 7.20 -12.73
CA HIS A 46 -14.48 8.40 -12.39
C HIS A 46 -15.47 9.52 -12.15
N PHE A 47 -16.46 9.65 -13.02
CA PHE A 47 -17.43 10.72 -12.89
C PHE A 47 -18.28 10.58 -11.64
N ALA A 48 -18.75 9.38 -11.39
CA ALA A 48 -19.58 9.15 -10.21
C ALA A 48 -18.78 9.45 -8.93
N ALA A 49 -17.52 9.06 -8.93
CA ALA A 49 -16.68 9.28 -7.80
C ALA A 49 -16.39 10.77 -7.59
N GLY A 50 -15.94 11.44 -8.65
CA GLY A 50 -15.62 12.86 -8.52
C GLY A 50 -16.77 13.75 -8.14
N TYR A 51 -17.97 13.37 -8.58
CA TYR A 51 -19.13 14.22 -8.34
C TYR A 51 -19.96 13.68 -7.18
N ASN A 52 -19.43 12.76 -6.41
CA ASN A 52 -20.07 12.32 -5.16
C ASN A 52 -21.42 11.66 -5.38
N ARG A 53 -21.52 10.73 -6.33
CA ARG A 53 -22.77 10.11 -6.64
C ARG A 53 -22.69 8.72 -6.05
N VAL A 54 -23.03 8.64 -4.75
CA VAL A 54 -22.83 7.39 -4.03
C VAL A 54 -23.66 6.24 -4.56
N SER A 55 -24.96 6.45 -4.76
CA SER A 55 -25.80 5.36 -5.33
C SER A 55 -25.31 4.88 -6.67
N VAL A 56 -24.81 5.78 -7.49
CA VAL A 56 -24.28 5.38 -8.80
C VAL A 56 -22.98 4.61 -8.65
N VAL A 57 -22.11 5.07 -7.76
CA VAL A 57 -20.89 4.29 -7.47
C VAL A 57 -21.23 2.85 -7.07
N GLU A 58 -22.21 2.71 -6.16
CA GLU A 58 -22.56 1.45 -5.64
C GLU A 58 -23.11 0.57 -6.76
N TYR A 59 -23.98 1.14 -7.59
CA TYR A 59 -24.49 0.38 -8.74
C TYR A 59 -23.36 -0.05 -9.68
N LEU A 60 -22.50 0.88 -10.04
CA LEU A 60 -21.42 0.59 -10.96
C LEU A 60 -20.48 -0.52 -10.42
N LEU A 61 -20.11 -0.40 -9.15
CA LEU A 61 -19.23 -1.41 -8.54
C LEU A 61 -19.86 -2.77 -8.54
N GLN A 62 -21.19 -2.86 -8.37
CA GLN A 62 -21.85 -4.16 -8.38
C GLN A 62 -22.06 -4.72 -9.79
N HIS A 63 -21.81 -3.93 -10.83
CA HIS A 63 -22.01 -4.37 -12.22
C HIS A 63 -20.73 -4.25 -13.04
N GLY A 64 -19.61 -4.47 -12.35
CA GLY A 64 -18.35 -4.73 -13.02
C GLY A 64 -17.49 -3.55 -13.39
N ALA A 65 -17.82 -2.37 -12.85
CA ALA A 65 -17.00 -1.23 -13.20
C ALA A 65 -15.55 -1.43 -12.66
N ASP A 66 -14.60 -0.86 -13.40
CA ASP A 66 -13.20 -1.08 -13.17
C ASP A 66 -12.63 -0.03 -12.19
N VAL A 67 -12.40 -0.44 -10.95
N VAL A 67 -12.39 -0.45 -10.96
CA VAL A 67 -11.84 0.44 -9.96
CA VAL A 67 -11.86 0.44 -9.95
C VAL A 67 -10.45 0.92 -10.29
C VAL A 67 -10.44 0.91 -10.26
N HIS A 68 -9.73 0.20 -11.12
CA HIS A 68 -8.34 0.51 -11.45
C HIS A 68 -8.18 1.31 -12.73
N ALA A 69 -9.26 1.68 -13.40
CA ALA A 69 -9.16 2.40 -14.67
C ALA A 69 -8.48 3.76 -14.46
N LYS A 70 -7.52 4.07 -15.34
N LYS A 70 -7.53 4.07 -15.35
CA LYS A 70 -6.81 5.36 -15.29
CA LYS A 70 -6.78 5.33 -15.34
C LYS A 70 -7.29 6.30 -16.37
C LYS A 70 -7.32 6.31 -16.39
N ASP A 71 -7.45 7.58 -16.03
CA ASP A 71 -7.85 8.65 -16.98
C ASP A 71 -6.55 9.05 -17.70
N LYS A 72 -6.61 10.09 -18.55
N LYS A 72 -6.60 10.07 -18.56
CA LYS A 72 -5.43 10.44 -19.38
CA LYS A 72 -5.43 10.41 -19.37
C LYS A 72 -4.22 10.89 -18.54
C LYS A 72 -4.22 10.89 -18.54
N GLY A 73 -4.46 11.37 -17.32
CA GLY A 73 -3.42 11.78 -16.39
C GLY A 73 -2.95 10.69 -15.44
N GLY A 74 -3.43 9.47 -15.63
CA GLY A 74 -3.17 8.40 -14.72
C GLY A 74 -4.00 8.38 -13.44
N LEU A 75 -5.03 9.22 -13.34
N LEU A 75 -5.03 9.23 -13.33
CA LEU A 75 -5.88 9.21 -12.16
CA LEU A 75 -5.88 9.21 -12.14
C LEU A 75 -6.81 8.03 -12.19
C LEU A 75 -6.84 8.05 -12.17
N VAL A 76 -6.97 7.36 -11.04
CA VAL A 76 -8.00 6.33 -10.88
C VAL A 76 -9.16 6.97 -10.12
N PRO A 77 -10.32 6.33 -10.12
CA PRO A 77 -11.47 6.92 -9.40
C PRO A 77 -11.20 7.29 -7.94
N LEU A 78 -10.35 6.56 -7.23
CA LEU A 78 -9.98 6.89 -5.89
C LEU A 78 -9.29 8.26 -5.84
N HIS A 79 -8.41 8.59 -6.80
CA HIS A 79 -7.86 9.93 -6.80
C HIS A 79 -8.93 11.01 -6.86
N ASN A 80 -9.95 10.86 -7.70
CA ASN A 80 -10.98 11.89 -7.81
CA ASN A 80 -10.98 11.89 -7.83
C ASN A 80 -11.77 12.02 -6.51
N ALA A 81 -12.06 10.88 -5.89
CA ALA A 81 -12.76 10.88 -4.61
C ALA A 81 -11.96 11.63 -3.57
N CYS A 82 -10.65 11.40 -3.51
CA CYS A 82 -9.85 12.05 -2.48
C CYS A 82 -9.59 13.52 -2.77
N SER A 83 -9.35 13.88 -4.04
CA SER A 83 -9.06 15.27 -4.35
C SER A 83 -10.28 16.13 -4.18
N TYR A 84 -11.49 15.59 -4.34
CA TYR A 84 -12.70 16.39 -4.15
C TYR A 84 -13.39 16.14 -2.80
N GLY A 85 -12.76 15.35 -1.94
CA GLY A 85 -13.19 15.20 -0.56
C GLY A 85 -14.43 14.41 -0.33
N HIS A 86 -14.64 13.35 -1.11
CA HIS A 86 -15.83 12.52 -0.98
C HIS A 86 -15.54 11.22 -0.25
N TYR A 87 -15.87 11.21 1.04
CA TYR A 87 -15.48 10.10 1.91
C TYR A 87 -16.20 8.77 1.55
N GLU A 88 -17.54 8.79 1.47
CA GLU A 88 -18.26 7.53 1.23
C GLU A 88 -17.81 6.87 -0.03
N VAL A 89 -17.54 7.66 -1.09
CA VAL A 89 -17.07 7.13 -2.33
C VAL A 89 -15.71 6.49 -2.14
N ALA A 90 -14.81 7.19 -1.43
CA ALA A 90 -13.47 6.67 -1.19
C ALA A 90 -13.52 5.33 -0.46
N GLU A 91 -14.37 5.25 0.56
CA GLU A 91 -14.56 4.02 1.28
C GLU A 91 -15.07 2.86 0.41
N LEU A 92 -16.08 3.14 -0.39
CA LEU A 92 -16.59 2.14 -1.29
C LEU A 92 -15.55 1.63 -2.26
N LEU A 93 -14.74 2.52 -2.81
CA LEU A 93 -13.75 2.13 -3.77
C LEU A 93 -12.69 1.23 -3.10
N VAL A 94 -12.25 1.62 -1.92
CA VAL A 94 -11.29 0.79 -1.17
C VAL A 94 -11.89 -0.57 -0.83
N LYS A 95 -13.16 -0.60 -0.46
N LYS A 95 -13.18 -0.60 -0.46
CA LYS A 95 -13.79 -1.86 -0.14
CA LYS A 95 -13.84 -1.87 -0.16
C LYS A 95 -13.91 -2.78 -1.35
C LYS A 95 -13.86 -2.80 -1.37
N HIS A 96 -13.92 -2.20 -2.54
N HIS A 96 -13.90 -2.21 -2.57
CA HIS A 96 -13.97 -2.97 -3.79
CA HIS A 96 -13.94 -2.95 -3.82
C HIS A 96 -12.59 -3.08 -4.47
C HIS A 96 -12.57 -3.10 -4.47
N GLY A 97 -11.52 -3.00 -3.67
CA GLY A 97 -10.16 -3.31 -4.12
C GLY A 97 -9.28 -2.19 -4.62
N ALA A 98 -9.72 -0.95 -4.51
CA ALA A 98 -8.88 0.13 -4.98
C ALA A 98 -7.56 0.13 -4.22
N VAL A 99 -6.47 0.38 -4.92
CA VAL A 99 -5.14 0.31 -4.34
C VAL A 99 -4.80 1.70 -3.80
N VAL A 100 -4.63 1.83 -2.49
CA VAL A 100 -4.49 3.17 -1.92
C VAL A 100 -3.14 3.82 -2.25
N ASN A 101 -2.16 3.02 -2.63
CA ASN A 101 -0.85 3.52 -3.04
C ASN A 101 -0.65 3.73 -4.55
N VAL A 102 -1.71 3.66 -5.32
CA VAL A 102 -1.63 3.94 -6.76
C VAL A 102 -1.11 5.34 -7.03
N ALA A 103 -0.34 5.51 -8.09
CA ALA A 103 0.24 6.79 -8.40
C ALA A 103 -0.18 7.21 -9.79
N ASP A 104 -0.47 8.49 -9.97
CA ASP A 104 -0.79 9.01 -11.29
C ASP A 104 0.51 9.25 -12.07
N LEU A 105 0.43 9.90 -13.19
CA LEU A 105 1.63 10.10 -14.01
C LEU A 105 2.67 10.98 -13.31
N TRP A 106 2.23 11.85 -12.40
CA TRP A 106 3.06 12.80 -11.62
C TRP A 106 3.56 12.17 -10.31
N LYS A 107 3.23 10.90 -10.10
CA LYS A 107 3.51 10.17 -8.86
C LYS A 107 2.76 10.70 -7.63
N PHE A 108 1.63 11.36 -7.82
CA PHE A 108 0.71 11.70 -6.73
C PHE A 108 -0.13 10.47 -6.43
N THR A 109 -0.26 10.16 -5.14
CA THR A 109 -1.13 9.12 -4.65
C THR A 109 -2.39 9.71 -4.08
N PRO A 110 -3.41 8.89 -3.83
CA PRO A 110 -4.58 9.33 -3.09
C PRO A 110 -4.31 10.06 -1.79
N LEU A 111 -3.31 9.63 -1.03
CA LEU A 111 -2.98 10.34 0.17
C LEU A 111 -2.39 11.73 -0.07
N HIS A 112 -1.62 11.94 -1.15
CA HIS A 112 -1.18 13.29 -1.46
C HIS A 112 -2.41 14.19 -1.61
N GLU A 113 -3.42 13.66 -2.27
CA GLU A 113 -4.64 14.45 -2.53
C GLU A 113 -5.43 14.72 -1.27
N ALA A 114 -5.67 13.68 -0.49
CA ALA A 114 -6.46 13.82 0.73
C ALA A 114 -5.73 14.69 1.76
N ALA A 115 -4.39 14.61 1.80
CA ALA A 115 -3.61 15.41 2.72
C ALA A 115 -3.69 16.88 2.33
N ALA A 116 -3.55 17.19 1.05
CA ALA A 116 -3.63 18.58 0.62
C ALA A 116 -5.00 19.18 0.89
N LYS A 117 -6.04 18.37 0.71
N LYS A 117 -6.05 18.38 0.72
CA LYS A 117 -7.44 18.78 0.90
CA LYS A 117 -7.42 18.86 0.96
C LYS A 117 -7.82 18.86 2.39
C LYS A 117 -7.81 18.92 2.44
N GLY A 118 -7.06 18.21 3.27
CA GLY A 118 -7.33 18.23 4.71
C GLY A 118 -8.53 17.49 5.23
N LYS A 119 -8.91 16.39 4.57
CA LYS A 119 -10.08 15.59 4.89
C LYS A 119 -9.70 14.46 5.87
N TYR A 120 -10.04 14.64 7.15
CA TYR A 120 -9.58 13.78 8.21
C TYR A 120 -10.01 12.34 7.95
N GLU A 121 -11.30 12.14 7.72
CA GLU A 121 -11.80 10.78 7.58
C GLU A 121 -11.20 10.03 6.40
N ILE A 122 -10.96 10.74 5.28
CA ILE A 122 -10.34 10.08 4.11
C ILE A 122 -8.89 9.77 4.42
N CYS A 123 -8.17 10.70 5.04
CA CYS A 123 -6.80 10.44 5.45
C CYS A 123 -6.72 9.23 6.36
N LYS A 124 -7.64 9.11 7.31
N LYS A 124 -7.64 9.11 7.31
CA LYS A 124 -7.67 7.98 8.20
CA LYS A 124 -7.69 7.98 8.23
C LYS A 124 -7.95 6.68 7.49
C LYS A 124 -7.96 6.68 7.50
N LEU A 125 -8.96 6.68 6.63
CA LEU A 125 -9.26 5.51 5.79
C LEU A 125 -7.99 5.04 5.03
N LEU A 126 -7.33 5.98 4.37
CA LEU A 126 -6.19 5.64 3.54
C LEU A 126 -5.01 5.10 4.38
N LEU A 127 -4.72 5.79 5.48
CA LEU A 127 -3.69 5.31 6.42
C LEU A 127 -3.97 3.93 7.02
N GLN A 128 -5.22 3.67 7.38
CA GLN A 128 -5.58 2.36 7.88
C GLN A 128 -5.42 1.24 6.85
N HIS A 129 -5.46 1.57 5.56
CA HIS A 129 -5.20 0.62 4.49
C HIS A 129 -3.78 0.76 3.93
N GLY A 130 -2.85 1.27 4.74
CA GLY A 130 -1.45 1.25 4.36
C GLY A 130 -0.98 2.30 3.40
N ALA A 131 -1.71 3.41 3.27
CA ALA A 131 -1.17 4.50 2.44
C ALA A 131 0.09 5.07 3.06
N ASP A 132 1.09 5.33 2.21
CA ASP A 132 2.40 5.74 2.71
C ASP A 132 2.48 7.26 2.88
N PRO A 133 2.66 7.79 4.10
CA PRO A 133 2.75 9.26 4.23
C PRO A 133 4.10 9.83 3.92
N THR A 134 5.06 8.98 3.54
CA THR A 134 6.42 9.38 3.27
C THR A 134 6.78 9.26 1.79
N LYS A 135 5.80 8.95 0.92
CA LYS A 135 6.11 8.69 -0.50
C LYS A 135 6.21 9.97 -1.28
N LYS A 136 7.34 10.21 -1.94
N LYS A 136 7.34 10.21 -1.94
CA LYS A 136 7.51 11.43 -2.68
CA LYS A 136 7.53 11.43 -2.69
C LYS A 136 6.89 11.36 -4.07
C LYS A 136 6.89 11.38 -4.08
N ASN A 137 6.24 12.45 -4.45
CA ASN A 137 5.78 12.65 -5.81
C ASN A 137 6.92 13.26 -6.65
N ARG A 138 6.64 13.63 -7.89
N ARG A 138 6.63 13.62 -7.89
CA ARG A 138 7.68 14.16 -8.79
CA ARG A 138 7.65 14.16 -8.79
C ARG A 138 8.06 15.66 -8.53
C ARG A 138 8.15 15.58 -8.42
N ASP A 139 7.44 16.27 -7.52
CA ASP A 139 7.92 17.55 -6.90
C ASP A 139 8.83 17.29 -5.71
N GLY A 140 9.04 16.04 -5.35
CA GLY A 140 9.82 15.72 -4.15
C GLY A 140 9.05 15.84 -2.86
N ASN A 141 7.72 16.00 -2.97
CA ASN A 141 6.85 16.21 -1.82
C ASN A 141 6.18 14.92 -1.40
N THR A 142 6.18 14.63 -0.11
CA THR A 142 5.42 13.55 0.47
C THR A 142 4.00 14.06 0.76
N PRO A 143 3.06 13.15 1.08
CA PRO A 143 1.76 13.62 1.49
C PRO A 143 1.86 14.50 2.72
N LEU A 144 2.71 14.17 3.68
CA LEU A 144 2.90 15.07 4.83
C LEU A 144 3.37 16.45 4.41
N ASP A 145 4.28 16.55 3.44
CA ASP A 145 4.68 17.86 2.93
C ASP A 145 3.54 18.66 2.33
N LEU A 146 2.51 17.99 1.79
CA LEU A 146 1.44 18.71 1.11
C LEU A 146 0.34 19.15 2.05
N VAL A 147 0.38 18.70 3.30
CA VAL A 147 -0.56 19.17 4.27
C VAL A 147 -0.37 20.72 4.34
N LYS A 148 -1.47 21.45 4.30
CA LYS A 148 -1.36 22.90 4.38
C LYS A 148 -0.66 23.24 5.67
N ASP A 149 0.24 24.23 5.60
CA ASP A 149 1.02 24.60 6.79
C ASP A 149 0.13 24.97 7.95
N GLY A 150 -1.05 25.51 7.65
CA GLY A 150 -2.00 25.86 8.71
C GLY A 150 -2.73 24.70 9.37
N ASP A 151 -2.69 23.53 8.75
CA ASP A 151 -3.56 22.39 9.12
C ASP A 151 -2.91 21.42 10.10
N THR A 152 -2.85 21.83 11.37
CA THR A 152 -2.13 21.10 12.42
CA THR A 152 -2.15 21.11 12.42
C THR A 152 -2.71 19.71 12.70
N ASP A 153 -4.04 19.59 12.70
CA ASP A 153 -4.72 18.29 12.98
C ASP A 153 -4.33 17.15 11.97
N ILE A 154 -4.27 17.50 10.69
CA ILE A 154 -3.91 16.52 9.65
C ILE A 154 -2.40 16.22 9.72
N GLN A 155 -1.59 17.22 10.03
CA GLN A 155 -0.14 17.04 10.16
C GLN A 155 0.09 15.99 11.22
N ASP A 156 -0.61 16.13 12.36
CA ASP A 156 -0.46 15.20 13.45
C ASP A 156 -0.85 13.79 13.07
N LEU A 157 -1.96 13.67 12.36
CA LEU A 157 -2.43 12.37 11.91
C LEU A 157 -1.42 11.64 11.01
N LEU A 158 -0.91 12.34 10.01
CA LEU A 158 0.07 11.72 9.09
C LEU A 158 1.41 11.39 9.73
N ARG A 159 1.82 12.14 10.75
CA ARG A 159 3.08 11.85 11.46
C ARG A 159 3.05 10.44 12.06
N GLY A 160 1.90 10.09 12.64
CA GLY A 160 1.66 8.75 13.15
C GLY A 160 2.59 8.49 14.34
N ASP A 161 3.25 7.33 14.33
CA ASP A 161 4.24 6.96 15.37
C ASP A 161 3.67 7.04 16.79
N SER B 2 35.58 -1.96 22.11
CA SER B 2 34.24 -1.88 22.78
C SER B 2 33.65 -3.32 22.90
N GLY B 3 32.79 -3.59 23.89
CA GLY B 3 32.05 -2.58 24.66
C GLY B 3 30.66 -2.43 24.07
N ASN B 4 30.40 -1.33 23.35
CA ASN B 4 29.26 -1.26 22.42
C ASN B 4 29.25 -2.41 21.39
N SER B 5 30.40 -2.76 20.83
N SER B 5 30.42 -2.79 20.89
CA SER B 5 30.44 -3.80 19.80
CA SER B 5 30.52 -3.81 19.85
C SER B 5 30.07 -5.17 20.35
C SER B 5 30.12 -5.20 20.36
N GLU B 6 30.62 -5.56 21.50
N GLU B 6 30.63 -5.62 21.51
CA GLU B 6 30.27 -6.86 22.08
CA GLU B 6 30.24 -6.93 22.00
C GLU B 6 28.80 -6.89 22.45
C GLU B 6 28.79 -6.92 22.49
N ALA B 7 28.32 -5.79 23.01
CA ALA B 7 26.91 -5.66 23.40
C ALA B 7 26.01 -5.72 22.17
N ASP B 8 26.39 -5.04 21.09
CA ASP B 8 25.64 -5.10 19.83
C ASP B 8 25.59 -6.55 19.31
N ARG B 9 26.71 -7.23 19.31
N ARG B 9 26.72 -7.25 19.31
CA ARG B 9 26.76 -8.63 18.92
CA ARG B 9 26.73 -8.66 18.90
C ARG B 9 25.81 -9.50 19.76
C ARG B 9 25.78 -9.49 19.76
N GLN B 10 25.82 -9.33 21.08
CA GLN B 10 24.95 -10.11 21.96
C GLN B 10 23.47 -9.78 21.73
N LEU B 11 23.18 -8.52 21.45
CA LEU B 11 21.82 -8.07 21.11
C LEU B 11 21.34 -8.75 19.82
N LEU B 12 22.15 -8.70 18.77
CA LEU B 12 21.78 -9.38 17.54
C LEU B 12 21.55 -10.89 17.74
N GLU B 13 22.43 -11.50 18.52
CA GLU B 13 22.29 -12.91 18.84
C GLU B 13 20.99 -13.20 19.61
N ALA B 14 20.70 -12.36 20.57
CA ALA B 14 19.50 -12.50 21.40
C ALA B 14 18.22 -12.35 20.53
N ALA B 15 18.26 -11.41 19.57
CA ALA B 15 17.11 -11.19 18.69
C ALA B 15 16.89 -12.43 17.81
N LYS B 16 17.98 -12.97 17.25
CA LYS B 16 17.88 -14.21 16.47
C LYS B 16 17.35 -15.39 17.31
N ALA B 17 17.82 -15.46 18.55
CA ALA B 17 17.47 -16.55 19.44
C ALA B 17 16.08 -16.45 20.01
N GLY B 18 15.48 -15.26 19.98
CA GLY B 18 14.20 -15.06 20.65
C GLY B 18 14.26 -14.84 22.16
N ASP B 19 15.35 -14.28 22.66
CA ASP B 19 15.59 -14.13 24.10
C ASP B 19 15.21 -12.71 24.47
N VAL B 20 13.93 -12.50 24.79
CA VAL B 20 13.44 -11.16 24.96
C VAL B 20 14.01 -10.49 26.19
N GLU B 21 14.29 -11.27 27.23
N GLU B 21 14.31 -11.27 27.23
CA GLU B 21 14.86 -10.67 28.43
CA GLU B 21 14.87 -10.64 28.42
C GLU B 21 16.27 -10.12 28.20
C GLU B 21 16.27 -10.10 28.17
N THR B 22 17.08 -10.82 27.41
CA THR B 22 18.41 -10.30 27.04
C THR B 22 18.30 -9.12 26.09
N VAL B 23 17.34 -9.16 25.17
CA VAL B 23 17.10 -8.05 24.26
C VAL B 23 16.77 -6.81 25.09
N LYS B 24 15.86 -6.94 26.06
CA LYS B 24 15.48 -5.83 26.91
C LYS B 24 16.68 -5.27 27.70
N LYS B 25 17.49 -6.16 28.23
CA LYS B 25 18.69 -5.80 28.97
C LYS B 25 19.67 -4.93 28.15
N LEU B 26 19.82 -5.28 26.89
CA LEU B 26 20.85 -4.71 26.01
C LEU B 26 20.37 -3.64 25.03
N CYS B 27 19.08 -3.39 24.97
N CYS B 27 19.07 -3.41 24.96
CA CYS B 27 18.51 -2.44 24.03
CA CYS B 27 18.55 -2.39 24.08
C CYS B 27 18.73 -0.99 24.49
C CYS B 27 18.91 -1.01 24.60
N THR B 28 19.50 -0.24 23.70
CA THR B 28 19.76 1.17 23.91
C THR B 28 19.53 1.89 22.61
N VAL B 29 19.55 3.21 22.65
CA VAL B 29 19.42 4.00 21.44
C VAL B 29 20.51 3.67 20.43
N GLN B 30 21.71 3.35 20.92
N GLN B 30 21.69 3.37 20.93
CA GLN B 30 22.85 2.95 20.06
CA GLN B 30 22.83 3.01 20.14
C GLN B 30 22.64 1.57 19.46
C GLN B 30 22.77 1.57 19.57
N SER B 31 22.09 0.65 20.25
CA SER B 31 22.08 -0.73 19.85
C SER B 31 20.82 -1.17 19.10
N VAL B 32 19.71 -0.47 19.32
CA VAL B 32 18.44 -1.03 18.90
C VAL B 32 18.35 -1.22 17.40
N ASN B 33 18.99 -0.33 16.63
CA ASN B 33 19.07 -0.44 15.19
C ASN B 33 20.50 -0.65 14.71
N CYS B 34 21.32 -1.33 15.53
CA CYS B 34 22.70 -1.61 15.13
C CYS B 34 22.68 -2.59 13.92
N ARG B 35 23.77 -2.62 13.15
CA ARG B 35 23.86 -3.47 11.93
C ARG B 35 24.86 -4.58 12.11
N ASP B 36 24.54 -5.75 11.57
CA ASP B 36 25.40 -6.89 11.58
C ASP B 36 26.43 -6.75 10.44
N ILE B 37 27.51 -6.06 10.76
CA ILE B 37 28.54 -5.66 9.79
C ILE B 37 29.20 -6.83 9.09
N GLU B 38 29.33 -7.94 9.79
CA GLU B 38 30.00 -9.11 9.23
C GLU B 38 29.09 -10.09 8.47
N GLY B 39 27.80 -9.78 8.44
CA GLY B 39 26.81 -10.61 7.77
C GLY B 39 26.17 -9.80 6.65
N ARG B 40 24.85 -9.66 6.65
CA ARG B 40 24.22 -8.89 5.60
C ARG B 40 23.68 -7.54 6.10
N GLN B 41 24.26 -7.01 7.17
CA GLN B 41 23.90 -5.70 7.70
C GLN B 41 22.51 -5.70 8.29
N SER B 42 22.02 -6.86 8.70
CA SER B 42 20.72 -6.93 9.37
C SER B 42 20.73 -6.20 10.68
N THR B 43 19.58 -5.65 11.03
CA THR B 43 19.32 -5.07 12.35
C THR B 43 18.69 -6.12 13.26
N PRO B 44 18.63 -5.88 14.57
CA PRO B 44 17.89 -6.78 15.46
C PRO B 44 16.46 -7.11 14.99
N LEU B 45 15.76 -6.09 14.49
CA LEU B 45 14.43 -6.31 13.97
C LEU B 45 14.40 -7.25 12.74
N HIS B 46 15.40 -7.18 11.84
CA HIS B 46 15.44 -8.13 10.75
C HIS B 46 15.56 -9.56 11.28
N PHE B 47 16.44 -9.79 12.28
CA PHE B 47 16.66 -11.11 12.80
C PHE B 47 15.39 -11.59 13.52
N ALA B 48 14.80 -10.73 14.29
CA ALA B 48 13.62 -11.14 15.05
C ALA B 48 12.49 -11.50 14.09
N ALA B 49 12.33 -10.71 13.03
CA ALA B 49 11.29 -10.94 12.01
C ALA B 49 11.56 -12.22 11.27
N GLY B 50 12.78 -12.37 10.76
CA GLY B 50 13.06 -13.57 9.97
C GLY B 50 13.02 -14.89 10.70
N TYR B 51 13.31 -14.85 11.99
CA TYR B 51 13.34 -16.07 12.82
C TYR B 51 12.06 -16.19 13.65
N ASN B 52 11.03 -15.40 13.33
CA ASN B 52 9.72 -15.57 13.94
C ASN B 52 9.73 -15.44 15.45
N ARG B 53 10.37 -14.36 15.94
CA ARG B 53 10.51 -14.14 17.39
C ARG B 53 9.50 -13.06 17.72
N VAL B 54 8.26 -13.49 17.96
CA VAL B 54 7.16 -12.53 18.10
C VAL B 54 7.33 -11.61 19.32
N SER B 55 7.65 -12.15 20.48
CA SER B 55 7.86 -11.31 21.65
C SER B 55 8.97 -10.30 21.46
N VAL B 56 10.03 -10.71 20.78
CA VAL B 56 11.12 -9.79 20.52
C VAL B 56 10.69 -8.72 19.54
N VAL B 57 9.98 -9.11 18.48
CA VAL B 57 9.48 -8.11 17.54
C VAL B 57 8.65 -7.08 18.28
N GLU B 58 7.74 -7.54 19.13
CA GLU B 58 6.87 -6.65 19.84
C GLU B 58 7.63 -5.71 20.76
N TYR B 59 8.59 -6.24 21.48
CA TYR B 59 9.45 -5.40 22.27
C TYR B 59 10.20 -4.38 21.47
N LEU B 60 10.84 -4.81 20.41
CA LEU B 60 11.60 -3.90 19.55
C LEU B 60 10.75 -2.79 18.93
N LEU B 61 9.57 -3.16 18.44
CA LEU B 61 8.68 -2.16 17.87
C LEU B 61 8.22 -1.15 18.90
N GLN B 62 7.96 -1.60 20.13
CA GLN B 62 7.55 -0.65 21.17
C GLN B 62 8.68 0.22 21.73
N HIS B 63 9.93 -0.08 21.36
CA HIS B 63 11.09 0.69 21.82
C HIS B 63 11.86 1.27 20.65
N GLY B 64 11.12 1.58 19.58
CA GLY B 64 11.62 2.44 18.52
C GLY B 64 12.47 1.80 17.44
N ALA B 65 12.44 0.47 17.31
CA ALA B 65 13.19 -0.15 16.23
C ALA B 65 12.65 0.28 14.86
N ASP B 66 13.57 0.35 13.90
CA ASP B 66 13.34 1.02 12.63
C ASP B 66 12.75 0.01 11.64
N VAL B 67 11.46 0.15 11.41
N VAL B 67 11.47 0.13 11.35
CA VAL B 67 10.78 -0.75 10.52
CA VAL B 67 10.80 -0.76 10.38
C VAL B 67 11.25 -0.57 9.08
C VAL B 67 11.23 -0.53 8.93
N HIS B 68 11.90 0.56 8.71
CA HIS B 68 12.34 0.88 7.38
C HIS B 68 13.78 0.53 7.11
N ALA B 69 14.49 -0.03 8.09
CA ALA B 69 15.91 -0.35 7.88
C ALA B 69 16.09 -1.38 6.77
N LYS B 70 17.02 -1.10 5.84
N LYS B 70 17.08 -1.11 5.92
CA LYS B 70 17.33 -2.01 4.73
CA LYS B 70 17.43 -1.94 4.75
C LYS B 70 18.65 -2.76 4.96
C LYS B 70 18.69 -2.77 5.03
N ASP B 71 18.66 -4.07 4.71
CA ASP B 71 19.87 -4.85 4.81
C ASP B 71 20.65 -4.63 3.51
N LYS B 72 21.76 -5.35 3.34
N LYS B 72 21.76 -5.35 3.34
CA LYS B 72 22.63 -5.06 2.20
CA LYS B 72 22.63 -5.04 2.21
C LYS B 72 21.95 -5.34 0.84
C LYS B 72 21.95 -5.34 0.84
N GLY B 73 20.92 -6.17 0.82
CA GLY B 73 20.17 -6.46 -0.41
C GLY B 73 18.94 -5.62 -0.60
N GLY B 74 18.78 -4.62 0.25
CA GLY B 74 17.62 -3.74 0.25
C GLY B 74 16.39 -4.31 0.96
N LEU B 75 16.51 -5.44 1.65
N LEU B 75 16.54 -5.41 1.68
CA LEU B 75 15.37 -6.00 2.38
CA LEU B 75 15.40 -5.96 2.40
C LEU B 75 15.08 -5.24 3.64
C LEU B 75 15.09 -5.14 3.63
N VAL B 76 13.81 -4.93 3.88
CA VAL B 76 13.35 -4.43 5.16
C VAL B 76 12.80 -5.61 5.97
N PRO B 77 12.65 -5.46 7.27
CA PRO B 77 12.13 -6.59 8.09
C PRO B 77 10.86 -7.24 7.53
N LEU B 78 9.96 -6.43 6.95
CA LEU B 78 8.77 -7.02 6.33
C LEU B 78 9.11 -8.02 5.23
N HIS B 79 10.15 -7.77 4.43
CA HIS B 79 10.55 -8.79 3.48
C HIS B 79 10.94 -10.10 4.13
N ASN B 80 11.69 -10.03 5.22
N ASN B 80 11.70 -10.02 5.21
CA ASN B 80 12.15 -11.25 5.87
CA ASN B 80 12.09 -11.25 5.90
C ASN B 80 10.92 -12.02 6.43
C ASN B 80 10.91 -12.03 6.45
N ALA B 81 9.96 -11.29 7.00
CA ALA B 81 8.74 -11.91 7.52
C ALA B 81 7.98 -12.62 6.41
N CYS B 82 7.86 -11.99 5.26
CA CYS B 82 7.08 -12.57 4.16
C CYS B 82 7.81 -13.67 3.51
N SER B 83 9.12 -13.53 3.28
CA SER B 83 9.82 -14.57 2.56
CA SER B 83 9.95 -14.55 2.63
C SER B 83 9.93 -15.85 3.38
N TYR B 84 9.93 -15.78 4.70
CA TYR B 84 9.94 -17.01 5.54
C TYR B 84 8.56 -17.39 6.11
N GLY B 85 7.52 -16.72 5.63
CA GLY B 85 6.14 -17.09 5.93
C GLY B 85 5.64 -16.87 7.31
N HIS B 86 6.11 -15.80 7.97
CA HIS B 86 5.75 -15.51 9.35
C HIS B 86 4.67 -14.45 9.37
N TYR B 87 3.42 -14.94 9.48
CA TYR B 87 2.26 -14.08 9.44
C TYR B 87 2.20 -13.12 10.62
N GLU B 88 2.33 -13.61 11.86
CA GLU B 88 2.17 -12.72 13.02
C GLU B 88 3.14 -11.57 12.98
N VAL B 89 4.39 -11.85 12.58
CA VAL B 89 5.39 -10.82 12.47
C VAL B 89 4.99 -9.80 11.42
N ALA B 90 4.56 -10.29 10.26
CA ALA B 90 4.15 -9.41 9.14
C ALA B 90 3.05 -8.50 9.59
N GLU B 91 2.07 -9.03 10.33
CA GLU B 91 0.97 -8.24 10.85
C GLU B 91 1.47 -7.16 11.80
N LEU B 92 2.36 -7.51 12.72
CA LEU B 92 2.90 -6.54 13.63
C LEU B 92 3.65 -5.44 12.92
N LEU B 93 4.44 -5.78 11.91
CA LEU B 93 5.22 -4.79 11.20
C LEU B 93 4.32 -3.84 10.43
N VAL B 94 3.30 -4.38 9.76
CA VAL B 94 2.35 -3.52 9.05
C VAL B 94 1.59 -2.59 10.03
N LYS B 95 1.22 -3.12 11.19
CA LYS B 95 0.49 -2.35 12.17
C LYS B 95 1.35 -1.23 12.74
N HIS B 96 2.68 -1.39 12.70
N HIS B 96 2.67 -1.41 12.74
CA HIS B 96 3.60 -0.34 13.16
CA HIS B 96 3.58 -0.36 13.20
C HIS B 96 4.25 0.44 12.02
C HIS B 96 4.20 0.46 12.07
N GLY B 97 3.53 0.54 10.90
CA GLY B 97 3.91 1.46 9.86
C GLY B 97 4.87 1.05 8.78
N ALA B 98 5.11 -0.26 8.64
CA ALA B 98 5.93 -0.74 7.55
C ALA B 98 5.40 -0.28 6.19
N VAL B 99 6.28 0.06 5.25
CA VAL B 99 5.83 0.47 3.92
C VAL B 99 5.54 -0.82 3.15
N VAL B 100 4.29 -1.05 2.74
CA VAL B 100 3.94 -2.31 2.16
C VAL B 100 4.49 -2.51 0.74
N ASN B 101 4.72 -1.42 0.02
CA ASN B 101 5.20 -1.50 -1.38
C ASN B 101 6.67 -1.32 -1.55
N VAL B 102 7.38 -1.34 -0.45
CA VAL B 102 8.83 -1.17 -0.47
C VAL B 102 9.45 -2.23 -1.35
N ALA B 103 10.47 -1.88 -2.10
CA ALA B 103 11.11 -2.81 -3.02
C ALA B 103 12.57 -3.01 -2.63
N ASP B 104 13.06 -4.24 -2.75
CA ASP B 104 14.49 -4.49 -2.51
C ASP B 104 15.28 -4.13 -3.80
N LEU B 105 16.56 -4.47 -3.82
CA LEU B 105 17.43 -4.10 -4.96
C LEU B 105 16.96 -4.73 -6.25
N TRP B 106 16.30 -5.89 -6.18
CA TRP B 106 15.78 -6.66 -7.31
C TRP B 106 14.33 -6.22 -7.67
N LYS B 107 13.82 -5.21 -6.98
N LYS B 107 13.81 -5.21 -6.98
CA LYS B 107 12.44 -4.71 -7.13
CA LYS B 107 12.41 -4.74 -7.17
C LYS B 107 11.37 -5.74 -6.70
C LYS B 107 11.37 -5.78 -6.74
N PHE B 108 11.73 -6.66 -5.81
CA PHE B 108 10.73 -7.51 -5.15
C PHE B 108 10.13 -6.76 -4.00
N THR B 109 8.81 -6.76 -3.95
CA THR B 109 8.03 -6.23 -2.83
C THR B 109 7.68 -7.35 -1.88
N PRO B 110 7.20 -7.01 -0.67
CA PRO B 110 6.69 -8.02 0.23
C PRO B 110 5.60 -8.92 -0.39
N LEU B 111 4.72 -8.37 -1.21
CA LEU B 111 3.73 -9.19 -1.88
C LEU B 111 4.33 -10.18 -2.87
N HIS B 112 5.38 -9.80 -3.59
CA HIS B 112 6.04 -10.80 -4.40
C HIS B 112 6.54 -11.96 -3.56
N GLU B 113 7.12 -11.65 -2.41
CA GLU B 113 7.64 -12.70 -1.53
C GLU B 113 6.57 -13.58 -0.98
N ALA B 114 5.49 -12.98 -0.48
CA ALA B 114 4.40 -13.74 0.10
C ALA B 114 3.71 -14.61 -0.96
N ALA B 115 3.56 -14.10 -2.17
CA ALA B 115 2.94 -14.86 -3.27
C ALA B 115 3.82 -16.04 -3.64
N ALA B 116 5.13 -15.82 -3.78
CA ALA B 116 6.03 -16.93 -4.14
C ALA B 116 6.07 -18.02 -3.10
N LYS B 117 5.99 -17.61 -1.83
N LYS B 117 6.01 -17.64 -1.82
CA LYS B 117 6.01 -18.55 -0.71
CA LYS B 117 6.02 -18.64 -0.75
C LYS B 117 4.67 -19.27 -0.54
C LYS B 117 4.62 -19.17 -0.39
N GLY B 118 3.60 -18.72 -1.11
CA GLY B 118 2.29 -19.33 -1.00
C GLY B 118 1.57 -19.11 0.31
N LYS B 119 1.73 -17.92 0.89
CA LYS B 119 1.12 -17.60 2.16
C LYS B 119 -0.13 -16.75 1.98
N TYR B 120 -1.29 -17.40 1.96
CA TYR B 120 -2.54 -16.75 1.68
C TYR B 120 -2.82 -15.60 2.66
N GLU B 121 -2.69 -15.91 3.94
CA GLU B 121 -3.00 -14.92 4.96
C GLU B 121 -2.12 -13.70 4.89
N ILE B 122 -0.84 -13.87 4.55
CA ILE B 122 0.05 -12.74 4.41
C ILE B 122 -0.34 -11.93 3.14
N CYS B 123 -0.69 -12.59 2.04
CA CYS B 123 -1.19 -11.93 0.87
C CYS B 123 -2.43 -11.09 1.17
N LYS B 124 -3.38 -11.63 1.93
CA LYS B 124 -4.57 -10.95 2.33
C LYS B 124 -4.22 -9.72 3.15
N LEU B 125 -3.37 -9.88 4.15
CA LEU B 125 -2.90 -8.74 4.96
C LEU B 125 -2.31 -7.62 4.10
N LEU B 126 -1.41 -8.00 3.21
CA LEU B 126 -0.74 -7.00 2.36
C LEU B 126 -1.72 -6.28 1.43
N LEU B 127 -2.65 -7.01 0.83
CA LEU B 127 -3.66 -6.37 -0.01
C LEU B 127 -4.56 -5.44 0.80
N GLN B 128 -4.94 -5.86 2.00
N GLN B 128 -4.91 -5.81 2.03
CA GLN B 128 -5.71 -5.01 2.92
CA GLN B 128 -5.74 -4.93 2.89
C GLN B 128 -5.01 -3.73 3.31
C GLN B 128 -5.00 -3.74 3.45
N HIS B 129 -3.68 -3.78 3.34
CA HIS B 129 -2.84 -2.67 3.73
C HIS B 129 -2.08 -2.09 2.54
N GLY B 130 -2.73 -2.07 1.39
CA GLY B 130 -2.32 -1.18 0.30
C GLY B 130 -1.31 -1.70 -0.67
N ALA B 131 -1.06 -3.02 -0.71
CA ALA B 131 -0.13 -3.55 -1.69
C ALA B 131 -0.71 -3.43 -3.10
N ASP B 132 0.19 -3.09 -4.02
CA ASP B 132 -0.18 -2.99 -5.41
C ASP B 132 0.21 -4.29 -6.14
N PRO B 133 -0.77 -5.11 -6.55
CA PRO B 133 -0.43 -6.36 -7.18
C PRO B 133 0.04 -6.20 -8.64
N THR B 134 0.08 -4.98 -9.16
CA THR B 134 0.58 -4.75 -10.53
C THR B 134 2.07 -4.52 -10.59
N LYS B 135 2.71 -4.36 -9.43
CA LYS B 135 4.13 -4.04 -9.42
C LYS B 135 4.96 -5.16 -10.00
N LYS B 136 5.86 -4.80 -10.92
CA LYS B 136 6.71 -5.80 -11.60
C LYS B 136 8.13 -5.72 -10.99
N ASN B 137 8.77 -6.85 -10.77
CA ASN B 137 10.14 -6.88 -10.34
C ASN B 137 11.05 -6.71 -11.54
N ARG B 138 12.36 -6.86 -11.34
CA ARG B 138 13.28 -6.63 -12.46
C ARG B 138 13.12 -7.65 -13.58
N ASP B 139 12.62 -8.83 -13.26
CA ASP B 139 12.38 -9.87 -14.29
C ASP B 139 11.12 -9.56 -15.11
N GLY B 140 10.36 -8.51 -14.73
CA GLY B 140 9.10 -8.20 -15.37
C GLY B 140 7.89 -8.92 -14.76
N ASN B 141 8.09 -9.57 -13.61
CA ASN B 141 7.03 -10.42 -13.02
C ASN B 141 6.28 -9.69 -11.93
N THR B 142 4.97 -9.80 -11.93
CA THR B 142 4.12 -9.35 -10.85
C THR B 142 4.07 -10.44 -9.78
N PRO B 143 3.52 -10.09 -8.59
CA PRO B 143 3.34 -11.15 -7.59
C PRO B 143 2.53 -12.35 -8.07
N LEU B 144 1.48 -12.09 -8.85
CA LEU B 144 0.70 -13.19 -9.44
C LEU B 144 1.56 -14.12 -10.29
N ASP B 145 2.45 -13.55 -11.09
CA ASP B 145 3.32 -14.33 -11.91
C ASP B 145 4.21 -15.29 -11.15
N LEU B 146 4.50 -14.99 -9.87
CA LEU B 146 5.36 -15.80 -9.04
C LEU B 146 4.64 -16.90 -8.23
N VAL B 147 3.31 -16.88 -8.23
CA VAL B 147 2.53 -17.88 -7.49
C VAL B 147 2.68 -19.28 -8.09
N LYS B 148 2.98 -20.29 -7.28
CA LYS B 148 3.10 -21.67 -7.77
C LYS B 148 1.75 -22.10 -8.30
N ASP B 149 1.77 -22.86 -9.38
CA ASP B 149 0.55 -23.36 -10.01
C ASP B 149 -0.31 -24.20 -9.07
N GLY B 150 0.32 -24.85 -8.11
CA GLY B 150 -0.41 -25.58 -7.09
C GLY B 150 -1.14 -24.71 -6.08
N ASP B 151 -0.82 -23.42 -5.99
CA ASP B 151 -1.48 -22.51 -5.01
C ASP B 151 -2.64 -21.73 -5.62
N THR B 152 -3.70 -22.47 -5.93
CA THR B 152 -4.84 -21.99 -6.66
C THR B 152 -5.56 -20.84 -5.93
N ASP B 153 -5.67 -20.98 -4.59
CA ASP B 153 -6.33 -19.95 -3.75
C ASP B 153 -5.70 -18.54 -3.89
N ILE B 154 -4.38 -18.52 -3.89
CA ILE B 154 -3.64 -17.28 -4.02
C ILE B 154 -3.76 -16.66 -5.42
N GLN B 155 -3.75 -17.53 -6.43
CA GLN B 155 -3.96 -17.06 -7.81
C GLN B 155 -5.29 -16.32 -7.91
N ASP B 156 -6.33 -16.93 -7.34
CA ASP B 156 -7.67 -16.31 -7.32
C ASP B 156 -7.73 -14.97 -6.55
N LEU B 157 -7.08 -14.95 -5.40
CA LEU B 157 -6.98 -13.73 -4.62
C LEU B 157 -6.33 -12.60 -5.39
N LEU B 158 -5.19 -12.89 -5.98
CA LEU B 158 -4.44 -11.84 -6.65
C LEU B 158 -5.06 -11.31 -7.94
N ARG B 159 -5.82 -12.16 -8.62
N ARG B 159 -5.83 -12.14 -8.63
CA ARG B 159 -6.57 -11.74 -9.80
CA ARG B 159 -6.53 -11.67 -9.82
C ARG B 159 -7.52 -10.58 -9.47
C ARG B 159 -7.50 -10.54 -9.45
N GLY B 160 -8.19 -10.68 -8.32
CA GLY B 160 -9.02 -9.60 -7.78
C GLY B 160 -10.06 -9.11 -8.73
N ASP B 161 -10.66 -10.02 -9.49
CA ASP B 161 -11.49 -9.60 -10.61
C ASP B 161 -12.80 -8.89 -10.17
N ALA B 162 -13.30 -8.01 -11.03
CA ALA B 162 -14.56 -7.33 -10.76
C ALA B 162 -15.69 -8.13 -11.41
N ALA B 163 -16.29 -9.03 -10.64
CA ALA B 163 -17.33 -9.93 -11.13
C ALA B 163 -18.55 -9.17 -11.66
N LEU B 164 -19.14 -9.68 -12.74
CA LEU B 164 -20.39 -9.14 -13.27
C LEU B 164 -21.54 -9.78 -12.50
C ACE C 1 -0.43 20.78 -15.06
O ACE C 1 -1.01 20.14 -15.94
CH3 ACE C 1 0.38 21.99 -15.45
N ARG C 2 -0.49 20.40 -13.76
CA ARG C 2 -1.24 19.17 -13.38
C ARG C 2 -2.73 19.47 -13.27
N GLU C 3 -3.50 18.99 -14.21
CA GLU C 3 -4.87 19.42 -14.21
C GLU C 3 -5.71 18.41 -13.45
N ALA C 4 -6.79 18.92 -12.89
CA ALA C 4 -7.68 18.16 -12.00
C ALA C 4 -8.38 17.05 -12.76
N GLY C 5 -8.73 15.99 -12.04
CA GLY C 5 -9.62 14.98 -12.57
C GLY C 5 -11.05 15.52 -12.64
N ASP C 6 -11.94 14.74 -13.22
CA ASP C 6 -13.35 15.12 -13.27
C ASP C 6 -14.01 14.99 -11.91
N GLY C 7 -14.68 16.07 -11.50
CA GLY C 7 -15.43 16.08 -10.23
C GLY C 7 -15.60 17.51 -9.72
N ALA C 8 -16.11 17.63 -8.50
CA ALA C 8 -16.30 18.91 -7.81
C ALA C 8 -16.45 18.66 -6.33
N GLU C 9 -15.91 19.61 -5.54
N GLU C 9 -16.00 19.61 -5.50
CA GLU C 9 -16.01 19.55 -4.10
CA GLU C 9 -16.23 19.48 -4.05
C GLU C 9 -17.45 19.72 -3.66
C GLU C 9 -17.71 19.44 -3.70
N NH2 C 10 -18.34 20.34 -4.42
C ACE D 1 21.70 -13.64 -6.22
O ACE D 1 22.36 -13.09 -5.33
CH3 ACE D 1 22.40 -14.55 -7.21
N ARG D 2 20.35 -13.65 -6.17
CA ARG D 2 19.59 -13.01 -5.04
C ARG D 2 19.61 -13.95 -3.81
N GLU D 3 20.31 -13.50 -2.77
CA GLU D 3 20.46 -14.28 -1.54
C GLU D 3 19.27 -14.02 -0.61
N ALA D 4 19.00 -14.99 0.23
CA ALA D 4 17.92 -14.87 1.21
C ALA D 4 18.31 -13.90 2.31
N GLY D 5 17.32 -13.20 2.87
CA GLY D 5 17.54 -12.45 4.09
C GLY D 5 17.81 -13.38 5.26
N ASP D 6 18.16 -12.79 6.39
CA ASP D 6 18.32 -13.59 7.60
C ASP D 6 16.97 -14.07 8.12
N GLY D 7 16.89 -15.37 8.36
CA GLY D 7 15.69 -15.97 8.92
C GLY D 7 15.62 -17.45 8.62
N ALA D 8 14.49 -18.04 8.97
CA ALA D 8 14.25 -19.46 8.70
C ALA D 8 12.75 -19.69 8.72
N GLU D 9 12.28 -20.58 7.86
N GLU D 9 12.28 -20.67 7.96
CA GLU D 9 10.86 -20.90 7.82
CA GLU D 9 10.85 -21.06 8.01
C GLU D 9 10.47 -21.66 9.07
C GLU D 9 10.41 -21.54 9.39
N NH2 D 10 11.39 -22.36 9.75
S SO4 E . -8.52 23.47 0.54
O1 SO4 E . -8.26 23.77 -0.90
O2 SO4 E . -9.90 22.97 0.67
O3 SO4 E . -8.33 24.71 1.34
O4 SO4 E . -7.55 22.45 1.01
S SO4 F . -12.49 -1.12 6.24
O1 SO4 F . -13.94 -1.34 6.06
O2 SO4 F . -12.18 0.22 5.66
O3 SO4 F . -11.74 -2.23 5.58
O4 SO4 F . -12.13 -1.07 7.69
S SO4 G . -26.25 9.76 -3.44
O1 SO4 G . -27.54 10.45 -3.18
O2 SO4 G . -25.81 10.36 -4.70
O3 SO4 G . -26.48 8.30 -3.54
O4 SO4 G . -25.34 10.09 -2.30
S DMS H . -23.99 -5.10 -17.63
O DMS H . -22.95 -4.34 -16.88
C1 DMS H . -23.79 -6.77 -17.36
C2 DMS H . -25.52 -4.90 -16.91
S SO4 I . -1.90 -19.81 4.67
O1 SO4 I . -3.27 -20.38 4.59
O2 SO4 I . -1.31 -20.01 3.31
O3 SO4 I . -1.08 -20.57 5.63
O4 SO4 I . -1.90 -18.35 4.99
S SO4 J . -7.13 -5.10 9.33
O1 SO4 J . -7.45 -3.79 8.73
O2 SO4 J . -7.88 -6.09 8.52
O3 SO4 J . -5.68 -5.38 9.28
O4 SO4 J . -7.51 -5.11 10.75
S SO4 K . 8.03 -16.11 20.41
O1 SO4 K . 7.39 -16.19 19.06
O2 SO4 K . 7.40 -14.99 21.14
O3 SO4 K . 9.48 -15.86 20.29
O4 SO4 K . 7.81 -17.37 21.17
S DMS L . -11.59 -13.94 0.85
O DMS L . -10.38 -14.49 1.52
C1 DMS L . -11.08 -12.95 -0.45
C2 DMS L . -12.42 -15.17 0.03
S DMS M . -0.17 -6.68 20.82
O DMS M . 1.09 -6.16 20.23
C1 DMS M . -0.50 -8.20 20.10
C2 DMS M . 0.12 -7.13 22.44
C4 4XP N . -13.22 22.58 -11.15
C5 4XP N . -12.51 22.74 -9.79
C6 4XP N . -11.24 21.99 -9.71
N1 4XP N . -9.37 20.96 -10.11
C7 4XP N . -10.40 21.63 -10.70
C8 4XP N . -8.20 20.33 -10.71
N2 4XP N . -9.56 20.91 -8.76
N3 4XP N . -10.70 21.55 -8.51
N4 4XP N . -15.94 23.67 -9.02
C3 4XP N . -14.55 23.36 -11.10
C2 4XP N . -15.49 22.92 -10.04
C1 4XP N . -16.07 21.69 -9.93
N5 4XP N . -16.78 22.99 -8.26
N 4XP N . -16.89 21.75 -8.82
C 4XP N . -17.87 21.04 -8.00
C4 4XP O . 18.45 -20.68 5.07
C5 4XP O . 17.41 -21.20 4.13
C6 4XP O . 17.02 -20.18 3.19
N1 4XP O . 16.89 -18.55 1.78
C7 4XP O . 17.80 -19.22 2.56
C8 4XP O . 17.30 -17.44 0.95
N2 4XP O . 15.63 -19.06 1.92
N3 4XP O . 15.70 -20.03 2.76
N4 4XP O . 17.04 -23.27 7.18
C3 4XP O . 18.79 -21.77 6.06
C2 4XP O . 17.70 -22.03 7.06
C1 4XP O . 17.11 -21.21 7.98
N5 4XP O . 16.12 -23.20 8.06
N 4XP O . 16.12 -21.93 8.59
C 4XP O . 15.09 -21.90 9.63
#